data_4QT3
#
_entry.id   4QT3
#
_cell.length_a   49.476
_cell.length_b   50.157
_cell.length_c   57.813
_cell.angle_alpha   90.000
_cell.angle_beta   90.000
_cell.angle_gamma   90.000
#
_symmetry.space_group_name_H-M   'P 21 21 21'
#
loop_
_entity.id
_entity.type
_entity.pdbx_description
1 polymer 'FK506-binding protein (FKBP)-type peptidyl-propyl isomerase'
2 non-polymer (2S,3S)-1,4-DIMERCAPTOBUTANE-2,3-DIOL
3 non-polymer 'RAPAMYCIN IMMUNOSUPPRESSANT DRUG'
4 water water
#
_entity_poly.entity_id   1
_entity_poly.type   'polypeptide(L)'
_entity_poly.pdbx_seq_one_letter_code
;QEFEKVELTADGGVIKTILKKGDEGEENIPKKGNEVTVHYVGKLESTGKVFDSSFDRNVPFKFHLEQGEVIKGWDICVSS
MRKNEKCLVRIESMYGYGDEGCGESIPGNSVLLFEIELLSFRELEETSHHHHHH
;
_entity_poly.pdbx_strand_id   A
#
loop_
_chem_comp.id
_chem_comp.type
_chem_comp.name
_chem_comp.formula
DTV non-polymer (2S,3S)-1,4-DIMERCAPTOBUTANE-2,3-DIOL 'C4 H10 O2 S2'
RAP non-polymer 'RAPAMYCIN IMMUNOSUPPRESSANT DRUG' 'C51 H79 N O13'
#
# COMPACT_ATOMS: atom_id res chain seq x y z
N GLN A 1 23.05 -0.84 -0.43
CA GLN A 1 21.92 0.13 -0.59
C GLN A 1 21.33 0.54 0.75
N GLU A 2 20.88 1.79 0.86
CA GLU A 2 20.20 2.26 2.05
C GLU A 2 18.91 1.46 2.31
N PHE A 3 18.11 1.29 1.25
CA PHE A 3 16.85 0.59 1.33
C PHE A 3 16.72 -0.45 0.24
N GLU A 4 16.06 -1.55 0.56
CA GLU A 4 15.75 -2.58 -0.40
C GLU A 4 14.60 -2.08 -1.26
N LYS A 5 14.82 -2.08 -2.57
CA LYS A 5 13.80 -1.79 -3.56
C LYS A 5 13.29 -3.11 -4.12
N VAL A 6 11.98 -3.29 -4.11
CA VAL A 6 11.36 -4.56 -4.50
C VAL A 6 10.37 -4.29 -5.62
N GLU A 7 10.65 -4.81 -6.80
CA GLU A 7 9.72 -4.73 -7.92
CA GLU A 7 9.73 -4.73 -7.93
C GLU A 7 8.68 -5.82 -7.72
N LEU A 8 7.41 -5.45 -7.58
CA LEU A 8 6.37 -6.45 -7.25
C LEU A 8 5.53 -6.92 -8.44
N THR A 9 5.61 -6.21 -9.56
CA THR A 9 5.11 -6.67 -10.83
C THR A 9 6.24 -6.48 -11.84
N ALA A 10 6.34 -7.37 -12.81
CA ALA A 10 7.47 -7.33 -13.74
C ALA A 10 7.44 -6.11 -14.64
N ASP A 11 6.25 -5.53 -14.83
CA ASP A 11 6.05 -4.37 -15.69
C ASP A 11 6.41 -3.04 -15.03
N GLY A 12 6.93 -3.07 -13.80
CA GLY A 12 7.28 -1.84 -13.08
C GLY A 12 6.09 -1.08 -12.52
N GLY A 13 4.90 -1.65 -12.61
CA GLY A 13 3.68 -0.99 -12.17
C GLY A 13 3.51 -0.84 -10.67
N VAL A 14 4.15 -1.72 -9.89
CA VAL A 14 4.13 -1.68 -8.45
C VAL A 14 5.54 -1.92 -7.94
N ILE A 15 6.13 -0.89 -7.32
CA ILE A 15 7.49 -0.94 -6.79
C ILE A 15 7.48 -0.48 -5.34
N LYS A 16 8.04 -1.30 -4.46
CA LYS A 16 8.06 -1.09 -3.02
C LYS A 16 9.49 -0.76 -2.61
N THR A 17 9.64 0.23 -1.73
CA THR A 17 10.91 0.51 -1.07
C THR A 17 10.70 0.26 0.41
N ILE A 18 11.49 -0.66 0.98
CA ILE A 18 11.34 -1.03 2.37
C ILE A 18 12.10 -0.03 3.23
N LEU A 19 11.36 0.79 3.97
CA LEU A 19 11.93 1.83 4.82
C LEU A 19 12.34 1.29 6.19
N LYS A 20 11.53 0.39 6.73
CA LYS A 20 11.80 -0.31 7.99
C LYS A 20 11.44 -1.77 7.81
N LYS A 21 12.40 -2.65 8.06
CA LYS A 21 12.19 -4.08 7.94
C LYS A 21 11.24 -4.58 9.01
N GLY A 22 10.34 -5.47 8.63
CA GLY A 22 9.44 -6.11 9.57
C GLY A 22 9.99 -7.42 10.11
N ASP A 23 9.11 -8.16 10.79
CA ASP A 23 9.49 -9.41 11.46
C ASP A 23 9.70 -10.56 10.46
N GLU A 24 10.80 -11.28 10.60
CA GLU A 24 11.13 -12.39 9.70
C GLU A 24 10.18 -13.58 9.90
N GLY A 25 10.01 -14.38 8.85
CA GLY A 25 9.17 -15.58 8.91
C GLY A 25 7.84 -15.46 8.19
N GLU A 26 7.37 -16.55 7.60
CA GLU A 26 6.09 -16.59 6.87
C GLU A 26 4.88 -16.31 7.74
N GLU A 27 4.97 -16.70 9.01
CA GLU A 27 3.88 -16.46 9.95
C GLU A 27 3.62 -14.97 10.17
N ASN A 28 4.60 -14.13 9.81
CA ASN A 28 4.48 -12.68 9.96
C ASN A 28 4.06 -11.94 8.70
N ILE A 29 3.69 -12.68 7.66
CA ILE A 29 3.15 -12.10 6.43
C ILE A 29 1.66 -12.45 6.37
N PRO A 30 0.79 -11.46 6.15
CA PRO A 30 -0.64 -11.71 6.09
C PRO A 30 -1.02 -12.56 4.90
N LYS A 31 -2.09 -13.32 5.04
CA LYS A 31 -2.58 -14.19 3.98
C LYS A 31 -3.91 -13.69 3.45
N LYS A 32 -4.28 -14.19 2.27
CA LYS A 32 -5.53 -13.84 1.62
C LYS A 32 -6.72 -13.98 2.55
N GLY A 33 -7.54 -12.93 2.62
CA GLY A 33 -8.73 -12.91 3.45
C GLY A 33 -8.54 -12.37 4.86
N ASN A 34 -7.30 -12.32 5.33
CA ASN A 34 -7.02 -11.78 6.64
C ASN A 34 -7.43 -10.32 6.74
N GLU A 35 -7.95 -9.92 7.90
CA GLU A 35 -8.05 -8.50 8.23
C GLU A 35 -6.66 -7.98 8.54
N VAL A 36 -6.28 -6.90 7.86
CA VAL A 36 -4.99 -6.26 8.13
CA VAL A 36 -4.99 -6.25 8.05
C VAL A 36 -5.23 -4.85 8.62
N THR A 37 -4.35 -4.42 9.52
CA THR A 37 -4.40 -3.10 10.14
C THR A 37 -3.13 -2.33 9.78
N VAL A 38 -3.28 -1.14 9.20
CA VAL A 38 -2.15 -0.35 8.75
C VAL A 38 -2.30 1.13 9.10
N HIS A 39 -1.19 1.86 9.01
CA HIS A 39 -1.22 3.30 8.82
C HIS A 39 -0.77 3.58 7.40
N TYR A 40 -1.25 4.67 6.82
CA TYR A 40 -0.79 5.07 5.51
C TYR A 40 -0.95 6.56 5.27
N VAL A 41 -0.22 7.02 4.27
CA VAL A 41 -0.38 8.36 3.70
CA VAL A 41 -0.34 8.37 3.70
C VAL A 41 -0.23 8.20 2.19
N GLY A 42 -1.06 8.91 1.42
CA GLY A 42 -1.03 8.86 -0.03
C GLY A 42 -0.75 10.20 -0.68
N LYS A 43 0.09 10.18 -1.69
CA LYS A 43 0.54 11.36 -2.43
C LYS A 43 0.37 11.12 -3.95
N LEU A 44 -0.06 12.15 -4.67
CA LEU A 44 -0.21 12.10 -6.12
C LEU A 44 1.10 12.52 -6.77
N GLU A 45 1.70 11.67 -7.59
CA GLU A 45 3.02 11.98 -8.16
C GLU A 45 3.00 13.20 -9.08
N SER A 46 1.94 13.35 -9.87
CA SER A 46 1.92 14.41 -10.89
C SER A 46 2.01 15.81 -10.28
N THR A 47 1.31 16.03 -9.17
CA THR A 47 1.27 17.34 -8.50
C THR A 47 2.20 17.41 -7.31
N GLY A 48 2.57 16.24 -6.79
CA GLY A 48 3.37 16.16 -5.58
C GLY A 48 2.60 16.41 -4.31
N LYS A 49 1.26 16.40 -4.39
CA LYS A 49 0.44 16.75 -3.24
C LYS A 49 -0.09 15.51 -2.50
N VAL A 50 0.00 15.54 -1.18
CA VAL A 50 -0.62 14.52 -0.34
C VAL A 50 -2.13 14.68 -0.42
N PHE A 51 -2.83 13.60 -0.75
CA PHE A 51 -4.29 13.63 -0.81
C PHE A 51 -4.98 12.99 0.39
N ASP A 52 -4.28 12.16 1.16
CA ASP A 52 -4.90 11.48 2.30
C ASP A 52 -3.84 11.18 3.34
N SER A 53 -3.96 11.84 4.50
CA SER A 53 -3.13 11.54 5.66
C SER A 53 -3.97 11.19 6.89
N SER A 54 -5.27 10.92 6.71
CA SER A 54 -6.20 10.68 7.81
CA SER A 54 -6.16 10.73 7.86
C SER A 54 -5.85 9.47 8.66
N PHE A 55 -5.14 8.52 8.07
CA PHE A 55 -4.75 7.29 8.75
C PHE A 55 -3.24 7.19 8.97
N ASP A 56 -2.54 8.33 9.03
CA ASP A 56 -1.07 8.34 9.06
CA ASP A 56 -1.07 8.30 9.06
C ASP A 56 -0.47 8.41 10.47
N ARG A 57 -1.32 8.70 11.46
CA ARG A 57 -0.85 8.96 12.82
CA ARG A 57 -0.86 8.99 12.82
C ARG A 57 -1.49 8.03 13.84
N ASN A 58 -2.69 8.34 14.32
CA ASN A 58 -3.30 7.58 15.42
C ASN A 58 -4.41 6.63 14.98
N VAL A 59 -5.11 6.99 13.90
CA VAL A 59 -6.25 6.23 13.43
C VAL A 59 -5.76 5.13 12.49
N PRO A 60 -6.08 3.86 12.80
CA PRO A 60 -5.67 2.77 11.91
C PRO A 60 -6.68 2.53 10.80
N PHE A 61 -6.18 2.07 9.66
CA PHE A 61 -7.02 1.67 8.52
C PHE A 61 -7.03 0.14 8.47
N LYS A 62 -8.21 -0.45 8.34
CA LYS A 62 -8.36 -1.90 8.28
C LYS A 62 -9.05 -2.32 6.99
N PHE A 63 -8.57 -3.40 6.39
CA PHE A 63 -9.22 -3.97 5.21
C PHE A 63 -8.90 -5.47 5.14
N HIS A 64 -9.62 -6.19 4.28
CA HIS A 64 -9.36 -7.60 4.06
C HIS A 64 -8.48 -7.79 2.85
N LEU A 65 -7.37 -8.48 3.05
CA LEU A 65 -6.36 -8.66 2.03
C LEU A 65 -6.85 -9.55 0.87
N GLU A 66 -6.66 -9.08 -0.35
CA GLU A 66 -6.95 -9.85 -1.54
C GLU A 66 -8.41 -10.31 -1.61
N GLN A 67 -9.31 -9.37 -1.32
CA GLN A 67 -10.76 -9.63 -1.30
CA GLN A 67 -10.76 -9.61 -1.29
C GLN A 67 -11.53 -8.58 -2.11
N GLY A 68 -10.87 -7.98 -3.10
CA GLY A 68 -11.52 -6.99 -3.96
C GLY A 68 -11.89 -5.67 -3.29
N GLU A 69 -11.28 -5.37 -2.15
CA GLU A 69 -11.69 -4.19 -1.37
C GLU A 69 -10.91 -2.91 -1.72
N VAL A 70 -9.67 -3.07 -2.16
CA VAL A 70 -8.75 -1.96 -2.40
C VAL A 70 -8.15 -2.07 -3.78
N ILE A 71 -7.50 -0.99 -4.23
CA ILE A 71 -6.79 -1.00 -5.51
C ILE A 71 -5.77 -2.13 -5.56
N LYS A 72 -5.56 -2.67 -6.74
CA LYS A 72 -4.73 -3.87 -6.90
CA LYS A 72 -4.74 -3.87 -6.88
C LYS A 72 -3.33 -3.66 -6.33
N GLY A 73 -2.74 -2.50 -6.56
CA GLY A 73 -1.39 -2.23 -6.06
C GLY A 73 -1.28 -2.35 -4.55
N TRP A 74 -2.36 -2.05 -3.84
CA TRP A 74 -2.37 -2.25 -2.37
C TRP A 74 -2.40 -3.71 -1.97
N ASP A 75 -3.22 -4.51 -2.64
CA ASP A 75 -3.23 -5.95 -2.37
C ASP A 75 -1.86 -6.55 -2.68
N ILE A 76 -1.27 -6.15 -3.79
CA ILE A 76 0.04 -6.64 -4.20
C ILE A 76 1.10 -6.23 -3.19
N CYS A 77 1.05 -4.99 -2.75
CA CYS A 77 2.03 -4.50 -1.79
C CYS A 77 1.88 -5.15 -0.42
N VAL A 78 0.68 -5.09 0.13
CA VAL A 78 0.48 -5.57 1.50
C VAL A 78 0.69 -7.09 1.60
N SER A 79 0.39 -7.83 0.54
CA SER A 79 0.64 -9.27 0.54
C SER A 79 2.12 -9.61 0.59
N SER A 80 3.00 -8.63 0.35
CA SER A 80 4.45 -8.81 0.40
C SER A 80 5.05 -8.31 1.69
N MET A 81 4.24 -7.70 2.56
CA MET A 81 4.77 -7.04 3.75
C MET A 81 4.85 -7.96 4.97
N ARG A 82 5.85 -7.69 5.81
CA ARG A 82 6.02 -8.36 7.09
C ARG A 82 5.47 -7.50 8.20
N LYS A 83 4.98 -8.12 9.27
CA LYS A 83 4.46 -7.36 10.40
C LYS A 83 5.52 -6.37 10.84
N ASN A 84 5.09 -5.12 11.05
CA ASN A 84 5.93 -3.99 11.45
C ASN A 84 6.77 -3.35 10.34
N GLU A 85 6.66 -3.88 9.12
CA GLU A 85 7.30 -3.26 7.98
C GLU A 85 6.69 -1.90 7.67
N LYS A 86 7.56 -0.95 7.34
CA LYS A 86 7.14 0.33 6.76
CA LYS A 86 7.16 0.34 6.76
C LYS A 86 7.72 0.41 5.37
N CYS A 87 6.89 0.73 4.39
CA CYS A 87 7.38 0.83 3.01
C CYS A 87 6.82 2.06 2.31
N LEU A 88 7.50 2.42 1.22
CA LEU A 88 6.99 3.33 0.23
C LEU A 88 6.62 2.46 -0.95
N VAL A 89 5.43 2.67 -1.52
CA VAL A 89 5.04 1.92 -2.71
C VAL A 89 4.57 2.90 -3.80
N ARG A 90 5.11 2.72 -5.00
CA ARG A 90 4.74 3.51 -6.17
C ARG A 90 3.84 2.65 -7.04
N ILE A 91 2.64 3.15 -7.31
CA ILE A 91 1.60 2.39 -7.99
C ILE A 91 1.17 3.12 -9.24
N GLU A 92 1.46 2.53 -10.39
CA GLU A 92 1.01 3.10 -11.67
C GLU A 92 -0.49 2.87 -11.87
N SER A 93 -1.08 3.63 -12.79
CA SER A 93 -2.54 3.69 -12.85
CA SER A 93 -2.53 3.72 -12.98
C SER A 93 -3.22 2.36 -13.12
N MET A 94 -2.57 1.48 -13.86
CA MET A 94 -3.11 0.15 -14.12
CA MET A 94 -3.08 0.13 -14.12
C MET A 94 -3.42 -0.61 -12.83
N TYR A 95 -2.66 -0.33 -11.78
CA TYR A 95 -2.81 -0.97 -10.47
C TYR A 95 -3.43 -0.04 -9.43
N GLY A 96 -3.91 1.11 -9.90
CA GLY A 96 -4.56 2.12 -9.07
C GLY A 96 -5.98 2.33 -9.57
N TYR A 97 -6.29 3.57 -9.94
CA TYR A 97 -7.65 3.94 -10.38
C TYR A 97 -7.83 4.00 -11.89
N GLY A 98 -6.82 3.62 -12.65
CA GLY A 98 -6.94 3.53 -14.09
C GLY A 98 -7.41 4.83 -14.74
N ASP A 99 -8.22 4.68 -15.77
CA ASP A 99 -8.74 5.84 -16.52
C ASP A 99 -9.74 6.66 -15.73
N GLU A 100 -10.47 6.01 -14.83
CA GLU A 100 -11.56 6.65 -14.10
C GLU A 100 -11.04 7.65 -13.07
N GLY A 101 -9.86 7.38 -12.53
CA GLY A 101 -9.33 8.17 -11.46
C GLY A 101 -10.21 7.99 -10.23
N CYS A 102 -10.18 8.86 -9.29
CA CYS A 102 -11.02 8.80 -8.07
C CYS A 102 -11.22 10.21 -7.57
N GLY A 103 -12.33 10.72 -7.13
CA GLY A 103 -12.58 11.97 -6.40
C GLY A 103 -12.05 13.18 -7.14
N GLU A 104 -11.98 14.30 -6.44
CA GLU A 104 -11.64 15.57 -7.05
C GLU A 104 -10.16 15.72 -7.38
N SER A 105 -9.30 15.00 -6.65
CA SER A 105 -7.86 15.17 -6.77
C SER A 105 -7.14 14.18 -7.68
N ILE A 106 -7.72 13.01 -7.94
CA ILE A 106 -6.98 11.94 -8.65
C ILE A 106 -7.51 11.69 -10.06
N PRO A 107 -6.82 12.24 -11.06
CA PRO A 107 -7.28 12.05 -12.42
C PRO A 107 -6.96 10.68 -13.01
N GLY A 108 -7.43 10.44 -14.21
CA GLY A 108 -7.01 9.28 -14.98
C GLY A 108 -5.51 9.27 -15.18
N ASN A 109 -4.94 8.08 -15.37
CA ASN A 109 -3.50 7.89 -15.58
C ASN A 109 -2.64 8.48 -14.48
N SER A 110 -3.06 8.31 -13.24
CA SER A 110 -2.27 8.80 -12.11
C SER A 110 -1.35 7.75 -11.53
N VAL A 111 -0.16 8.19 -11.15
CA VAL A 111 0.76 7.40 -10.36
C VAL A 111 0.60 7.83 -8.91
N LEU A 112 0.37 6.84 -8.03
CA LEU A 112 0.19 7.09 -6.62
C LEU A 112 1.39 6.63 -5.83
N LEU A 113 1.73 7.40 -4.80
CA LEU A 113 2.79 7.04 -3.87
CA LEU A 113 2.79 7.05 -3.88
C LEU A 113 2.18 6.91 -2.49
N PHE A 114 2.31 5.73 -1.88
CA PHE A 114 1.86 5.57 -0.51
C PHE A 114 3.02 5.16 0.39
N GLU A 115 2.99 5.66 1.60
CA GLU A 115 3.77 5.11 2.69
CA GLU A 115 3.78 5.08 2.68
C GLU A 115 2.80 4.24 3.50
N ILE A 116 3.17 2.98 3.73
CA ILE A 116 2.28 2.05 4.44
C ILE A 116 3.07 1.38 5.57
N GLU A 117 2.46 1.31 6.76
CA GLU A 117 3.04 0.60 7.90
C GLU A 117 2.07 -0.53 8.27
N LEU A 118 2.57 -1.76 8.23
CA LEU A 118 1.72 -2.91 8.57
C LEU A 118 1.84 -3.14 10.08
N LEU A 119 0.74 -2.89 10.79
CA LEU A 119 0.73 -2.99 12.24
C LEU A 119 0.40 -4.40 12.72
N SER A 120 -0.62 -5.02 12.13
CA SER A 120 -1.07 -6.32 12.57
C SER A 120 -2.01 -6.92 11.56
N PHE A 121 -2.32 -8.19 11.74
CA PHE A 121 -3.31 -8.87 10.93
C PHE A 121 -3.90 -10.06 11.68
N ARG A 122 -5.08 -10.48 11.26
CA ARG A 122 -5.76 -11.62 11.90
C ARG A 122 -6.56 -12.44 10.91
N GLU A 123 -6.65 -13.74 11.18
CA GLU A 123 -7.45 -14.66 10.36
C GLU A 123 -8.89 -14.61 10.86
N LEU A 124 -9.84 -14.60 9.91
CA LEU A 124 -11.26 -14.59 10.24
C LEU A 124 -11.81 -16.02 10.33
N GLU A 125 -12.81 -16.23 11.20
CA GLU A 125 -13.32 -17.58 11.46
C GLU A 125 -14.15 -18.10 10.29
S1 DTV B . -12.82 6.48 -6.24
C1 DTV B . -14.24 6.98 -5.26
C2 DTV B . -15.15 5.78 -5.02
O2 DTV B . -14.51 4.55 -5.38
C3 DTV B . -15.47 5.77 -3.54
O3 DTV B . -16.69 5.08 -3.29
C4 DTV B . -15.53 7.18 -3.03
S4 DTV B . -13.98 8.08 -3.38
C1 RAP C . -8.27 2.24 -1.86
O1 RAP C . -9.45 2.89 -1.45
O2 RAP C . -8.32 1.22 -2.51
C2 RAP C . -6.98 2.93 -1.51
C3 RAP C . -6.07 1.93 -0.77
C4 RAP C . -6.52 1.72 0.67
C5 RAP C . -6.55 3.06 1.38
C6 RAP C . -7.54 3.97 0.69
N7 RAP C . -7.13 4.17 -0.71
C8 RAP C . -6.85 5.35 -1.30
O3 RAP C . -6.55 5.43 -2.48
C9 RAP C . -6.91 6.61 -0.55
O4 RAP C . -5.90 7.03 0.00
C10 RAP C . -8.19 7.39 -0.48
O5 RAP C . -8.96 6.66 0.46
O6 RAP C . -7.94 8.69 0.03
C11 RAP C . -8.95 7.48 -1.81
C12 RAP C . -10.36 8.01 -1.59
C13 RAP C . -11.10 7.25 -0.48
C14 RAP C . -10.26 7.16 0.78
C15 RAP C . -10.83 6.18 1.79
C16 RAP C . -12.13 6.64 2.46
O7 RAP C . -11.80 7.79 3.26
C17 RAP C . -12.71 5.50 3.26
C18 RAP C . -13.85 4.91 2.83
C19 RAP C . -14.49 3.75 3.48
C20 RAP C . -15.55 3.18 2.91
C21 RAP C . -16.18 2.00 3.51
C22 RAP C . -17.20 1.39 2.89
C23 RAP C . -17.83 0.12 3.45
C24 RAP C . -17.72 -1.00 2.40
C25 RAP C . -16.29 -1.27 1.95
C26 RAP C . -16.32 -2.10 0.70
O8 RAP C . -16.34 -3.32 0.77
C27 RAP C . -16.37 -1.41 -0.64
O9 RAP C . -16.81 -2.30 -1.66
C28 RAP C . -14.96 -0.94 -1.06
O10 RAP C . -14.09 -2.07 -0.98
C29 RAP C . -14.45 0.25 -0.30
C30 RAP C . -13.36 0.15 0.48
C31 RAP C . -12.72 1.26 1.29
C32 RAP C . -11.48 1.64 0.51
O11 RAP C . -10.36 1.21 0.81
C33 RAP C . -11.66 2.58 -0.65
C34 RAP C . -10.71 2.26 -1.80
C35 RAP C . -11.17 2.81 -3.16
C36 RAP C . -12.39 2.12 -3.77
C37 RAP C . -12.22 0.65 -4.11
C38 RAP C . -13.52 0.14 -4.75
C39 RAP C . -13.46 -1.33 -5.11
O12 RAP C . -14.64 -1.78 -5.77
C40 RAP C . -12.29 -1.58 -6.05
O13 RAP C . -12.25 -2.98 -6.36
C41 RAP C . -10.99 -1.11 -5.41
C42 RAP C . -11.08 0.39 -5.08
C43 RAP C . -8.19 8.34 -2.82
C44 RAP C . -11.99 5.08 4.52
C45 RAP C . -19.28 0.32 3.88
C46 RAP C . -15.48 -1.95 3.06
C47 RAP C . -15.22 1.54 -0.43
C48 RAP C . -12.38 0.79 2.70
C49 RAP C . -11.46 4.31 -3.07
C50 RAP C . -12.95 8.41 3.82
C51 RAP C . -18.21 -2.56 -1.59
C52 RAP C . -15.72 -2.08 -4.89
#